data_8ZTX
#
_entry.id   8ZTX
#
_cell.length_a   55.649
_cell.length_b   58.668
_cell.length_c   99.241
_cell.angle_alpha   90.0
_cell.angle_beta   90.0
_cell.angle_gamma   90.0
#
_symmetry.space_group_name_H-M   'P 21 2 21'
#
loop_
_entity.id
_entity.type
_entity.pdbx_description
1 polymer 'Membrane-associated tyrosine- and threonine-specific cdc2-inhibitory kinase'
2 non-polymer 2-azanyl-3-(2,6-dimethyl-3-oxidanyl-phenyl)-5-pyridin-4-yl-benzamide
3 water water
#
_entity_poly.entity_id   1
_entity_poly.type   'polypeptide(L)'
_entity_poly.pdbx_seq_one_letter_code
;HQLQPRRVSFRGEASETLQSPGYDPSRPESFFQQSFQRLSRLGHGSYGEVFKVRSKEDGRLYAVKRSMSPFRGPKDRARK
LAEVGSHEKVGQHPCCVRLEQAWEEGGILYLQTELCGPSLQQHCEAWGASLPEAQVWGYLRDTLLALAHLHSQGLVHLDV
KPANIFLGPRGRCKLGDFGLLVELGTAGAGEVQEGDPRYMAPELLQGSYGTAADVFSLGLTILEVACNMELPHGGEGWQQ
LRQGYLPPEFTAGLSSELRSVLVMMLEPDPKLRATAEALLALPVLRQP
;
_entity_poly.pdbx_strand_id   A
#
loop_
_chem_comp.id
_chem_comp.type
_chem_comp.name
_chem_comp.formula
A1D83 non-polymer 2-azanyl-3-(2,6-dimethyl-3-oxidanyl-phenyl)-5-pyridin-4-yl-benzamide 'C20 H19 N3 O2'
#
# COMPACT_ATOMS: atom_id res chain seq x y z
N HIS A 1 -27.94 -14.02 -20.43
CA HIS A 1 -26.56 -14.41 -20.72
C HIS A 1 -25.52 -13.45 -20.17
N GLN A 2 -24.33 -13.98 -19.88
CA GLN A 2 -23.19 -13.20 -19.38
C GLN A 2 -21.98 -13.25 -20.30
N LEU A 3 -21.36 -12.09 -20.52
CA LEU A 3 -20.11 -12.02 -21.28
C LEU A 3 -19.03 -12.83 -20.58
N GLN A 4 -18.14 -13.46 -21.36
CA GLN A 4 -16.92 -14.04 -20.79
C GLN A 4 -16.05 -13.02 -20.04
N PRO A 5 -15.30 -13.50 -19.02
CA PRO A 5 -14.33 -12.70 -18.33
C PRO A 5 -13.34 -12.12 -19.32
N ARG A 6 -12.95 -10.89 -19.08
CA ARG A 6 -12.00 -10.21 -19.95
C ARG A 6 -10.82 -9.79 -19.13
N ARG A 7 -9.60 -9.99 -19.63
CA ARG A 7 -8.43 -9.53 -18.88
C ARG A 7 -8.39 -8.03 -18.88
N VAL A 8 -7.98 -7.45 -17.74
CA VAL A 8 -7.75 -6.00 -17.63
C VAL A 8 -6.26 -5.74 -17.59
N SER A 9 -5.78 -4.98 -18.59
CA SER A 9 -4.36 -4.63 -18.62
C SER A 9 -4.18 -3.36 -19.40
N PHE A 10 -3.16 -2.60 -19.04
CA PHE A 10 -2.90 -1.38 -19.81
C PHE A 10 -1.60 -1.48 -20.60
N ARG A 11 -1.08 -2.70 -20.72
CA ARG A 11 0.16 -2.96 -21.46
C ARG A 11 -0.10 -3.12 -22.96
N GLY A 12 -0.79 -4.20 -23.35
CA GLY A 12 -0.99 -4.51 -24.77
C GLY A 12 -1.97 -5.63 -25.04
N SER A 20 -6.08 -18.26 -19.37
CA SER A 20 -7.31 -18.88 -18.86
C SER A 20 -7.30 -20.43 -18.89
N PRO A 21 -6.38 -21.07 -18.13
CA PRO A 21 -6.31 -22.54 -18.13
C PRO A 21 -7.14 -23.20 -17.02
N GLY A 22 -7.68 -24.39 -17.30
CA GLY A 22 -8.56 -25.08 -16.36
C GLY A 22 -9.94 -24.45 -16.28
N TYR A 23 -10.15 -23.41 -17.10
CA TYR A 23 -11.38 -22.64 -17.14
C TYR A 23 -12.21 -22.92 -18.41
N ASP A 24 -13.45 -23.36 -18.23
CA ASP A 24 -14.35 -23.66 -19.33
C ASP A 24 -15.53 -22.68 -19.44
N PRO A 25 -15.52 -21.85 -20.49
CA PRO A 25 -16.53 -20.81 -20.78
C PRO A 25 -17.94 -21.33 -21.01
N SER A 26 -18.05 -22.65 -21.24
CA SER A 26 -19.30 -23.36 -21.47
C SER A 26 -20.03 -23.62 -20.17
N ARG A 27 -19.29 -23.60 -19.06
CA ARG A 27 -19.89 -23.82 -17.76
C ARG A 27 -20.33 -22.47 -17.20
N PRO A 28 -21.46 -22.45 -16.48
CA PRO A 28 -22.07 -21.23 -15.93
C PRO A 28 -21.20 -20.46 -14.92
N GLU A 29 -20.38 -21.17 -14.14
CA GLU A 29 -19.71 -20.55 -13.01
C GLU A 29 -18.62 -19.55 -13.42
N SER A 30 -18.36 -18.57 -12.56
CA SER A 30 -17.41 -17.50 -12.89
C SER A 30 -15.98 -18.00 -13.07
N PHE A 31 -15.14 -17.14 -13.63
CA PHE A 31 -13.73 -17.48 -13.80
C PHE A 31 -13.17 -17.64 -12.36
N PHE A 32 -13.51 -16.70 -11.49
CA PHE A 32 -13.09 -16.83 -10.10
C PHE A 32 -13.59 -18.14 -9.38
N GLN A 33 -14.87 -18.48 -9.53
CA GLN A 33 -15.38 -19.76 -8.96
C GLN A 33 -14.70 -20.99 -9.58
N GLN A 34 -14.50 -20.99 -10.90
CA GLN A 34 -13.89 -22.15 -11.58
C GLN A 34 -12.41 -22.32 -11.31
N SER A 35 -11.69 -21.19 -11.19
CA SER A 35 -10.22 -21.21 -11.38
C SER A 35 -9.45 -21.11 -10.09
N PHE A 36 -10.19 -20.98 -9.00
CA PHE A 36 -9.53 -20.82 -7.68
C PHE A 36 -10.29 -21.55 -6.61
N GLN A 37 -9.55 -22.02 -5.62
CA GLN A 37 -10.14 -22.58 -4.45
C GLN A 37 -10.08 -21.48 -3.37
N ARG A 38 -11.23 -21.06 -2.89
CA ARG A 38 -11.30 -19.98 -1.88
C ARG A 38 -10.92 -20.57 -0.52
N LEU A 39 -9.89 -20.03 0.14
CA LEU A 39 -9.43 -20.65 1.40
C LEU A 39 -9.89 -19.88 2.63
N SER A 40 -9.91 -18.56 2.54
CA SER A 40 -10.30 -17.75 3.69
C SER A 40 -10.62 -16.36 3.19
N ARG A 41 -11.35 -15.58 3.97
CA ARG A 41 -11.54 -14.18 3.60
C ARG A 41 -10.62 -13.35 4.48
N LEU A 42 -9.73 -12.57 3.85
CA LEU A 42 -8.74 -11.75 4.55
C LEU A 42 -9.27 -10.38 4.95
N GLY A 43 -10.26 -9.89 4.24
CA GLY A 43 -10.77 -8.55 4.49
C GLY A 43 -12.05 -8.27 3.74
N HIS A 44 -12.85 -7.33 4.26
CA HIS A 44 -14.02 -6.88 3.49
C HIS A 44 -14.35 -5.45 3.90
N GLY A 45 -14.76 -4.66 2.93
CA GLY A 45 -15.05 -3.27 3.19
C GLY A 45 -15.92 -2.74 2.08
N SER A 46 -16.09 -1.42 2.07
CA SER A 46 -16.76 -0.68 1.00
C SER A 46 -16.32 -1.15 -0.39
N TYR A 47 -15.01 -1.29 -0.54
CA TYR A 47 -14.36 -1.68 -1.79
C TYR A 47 -14.65 -3.09 -2.29
N GLY A 48 -15.14 -3.95 -1.43
CA GLY A 48 -15.28 -5.35 -1.82
C GLY A 48 -14.67 -6.28 -0.79
N GLU A 49 -14.02 -7.34 -1.26
CA GLU A 49 -13.53 -8.37 -0.36
C GLU A 49 -12.21 -8.87 -0.90
N VAL A 50 -11.37 -9.34 0.01
CA VAL A 50 -10.10 -9.96 -0.37
C VAL A 50 -10.08 -11.37 0.15
N PHE A 51 -9.78 -12.34 -0.73
CA PHE A 51 -9.73 -13.76 -0.32
C PHE A 51 -8.31 -14.30 -0.43
N LYS A 52 -7.95 -15.22 0.45
CA LYS A 52 -6.78 -16.09 0.25
C LYS A 52 -7.24 -17.23 -0.62
N VAL A 53 -6.55 -17.51 -1.73
CA VAL A 53 -6.97 -18.58 -2.63
C VAL A 53 -5.79 -19.48 -3.01
N ARG A 54 -6.11 -20.61 -3.62
CA ARG A 54 -5.12 -21.42 -4.27
C ARG A 54 -5.55 -21.44 -5.72
N SER A 55 -4.60 -21.26 -6.60
CA SER A 55 -4.85 -21.29 -8.04
C SER A 55 -4.86 -22.72 -8.65
N LYS A 56 -5.87 -22.96 -9.46
CA LYS A 56 -5.99 -24.25 -10.17
C LYS A 56 -4.96 -24.33 -11.28
N GLU A 57 -4.55 -23.15 -11.79
CA GLU A 57 -3.59 -23.13 -12.89
C GLU A 57 -2.22 -23.61 -12.45
N ASP A 58 -1.73 -23.17 -11.29
CA ASP A 58 -0.35 -23.48 -10.91
C ASP A 58 -0.18 -24.04 -9.48
N GLY A 59 -1.27 -24.07 -8.69
CA GLY A 59 -1.25 -24.83 -7.43
C GLY A 59 -0.80 -23.96 -6.29
N ARG A 60 -0.53 -22.71 -6.64
CA ARG A 60 0.07 -21.79 -5.68
C ARG A 60 -0.96 -20.93 -5.00
N LEU A 61 -0.58 -20.43 -3.83
CA LEU A 61 -1.41 -19.48 -3.11
C LEU A 61 -1.31 -18.05 -3.65
N TYR A 62 -2.43 -17.31 -3.56
CA TYR A 62 -2.52 -15.94 -4.01
C TYR A 62 -3.54 -15.22 -3.17
N ALA A 63 -3.61 -13.88 -3.32
CA ALA A 63 -4.69 -13.10 -2.75
C ALA A 63 -5.52 -12.56 -3.94
N VAL A 64 -6.83 -12.55 -3.79
CA VAL A 64 -7.69 -11.94 -4.85
C VAL A 64 -8.62 -10.94 -4.23
N LYS A 65 -8.58 -9.72 -4.77
CA LYS A 65 -9.52 -8.68 -4.35
C LYS A 65 -10.58 -8.56 -5.42
N ARG A 66 -11.83 -8.56 -4.99
CA ARG A 66 -12.93 -8.35 -5.92
C ARG A 66 -13.80 -7.22 -5.43
N SER A 67 -14.23 -6.43 -6.38
CA SER A 67 -15.09 -5.31 -6.05
C SER A 67 -16.46 -5.76 -5.57
N MET A 68 -17.16 -4.84 -4.89
CA MET A 68 -18.39 -5.20 -4.22
C MET A 68 -19.62 -5.21 -5.10
N SER A 69 -19.74 -4.24 -6.00
CA SER A 69 -20.94 -4.23 -6.84
C SER A 69 -20.59 -3.84 -8.27
N PRO A 70 -21.45 -4.23 -9.21
CA PRO A 70 -21.15 -3.96 -10.63
C PRO A 70 -20.95 -2.49 -10.92
N PHE A 71 -20.12 -2.23 -11.90
CA PHE A 71 -19.88 -0.88 -12.37
C PHE A 71 -21.18 -0.12 -12.61
N ARG A 72 -21.23 1.15 -12.20
CA ARG A 72 -22.42 1.97 -12.36
C ARG A 72 -22.56 2.67 -13.71
N GLY A 73 -21.45 2.83 -14.41
CA GLY A 73 -21.49 3.50 -15.71
C GLY A 73 -20.06 3.45 -16.22
N PRO A 74 -19.81 4.00 -17.42
CA PRO A 74 -18.47 3.95 -18.00
C PRO A 74 -17.39 4.66 -17.16
N LYS A 75 -17.67 5.84 -16.59
CA LYS A 75 -16.63 6.47 -15.75
C LYS A 75 -16.30 5.74 -14.46
N ASP A 76 -17.29 5.17 -13.80
CA ASP A 76 -17.04 4.32 -12.65
C ASP A 76 -16.16 3.13 -13.07
N ARG A 77 -16.53 2.46 -14.14
CA ARG A 77 -15.66 1.39 -14.61
C ARG A 77 -14.20 1.86 -14.85
N ALA A 78 -14.03 2.97 -15.57
CA ALA A 78 -12.71 3.44 -15.95
C ALA A 78 -11.89 3.75 -14.70
N ARG A 79 -12.54 4.35 -13.70
CA ARG A 79 -11.84 4.72 -12.47
C ARG A 79 -11.41 3.49 -11.70
N LYS A 80 -12.28 2.49 -11.62
CA LYS A 80 -11.90 1.25 -10.97
C LYS A 80 -10.77 0.53 -11.74
N LEU A 81 -10.89 0.44 -13.07
CA LEU A 81 -9.87 -0.26 -13.82
C LEU A 81 -8.50 0.41 -13.72
N ALA A 82 -8.50 1.72 -13.53
CA ALA A 82 -7.26 2.47 -13.42
C ALA A 82 -6.34 1.95 -12.29
N GLU A 83 -6.91 1.32 -11.26
CA GLU A 83 -6.04 0.71 -10.23
C GLU A 83 -5.09 -0.28 -10.89
N VAL A 84 -5.60 -1.06 -11.84
CA VAL A 84 -4.73 -2.04 -12.49
C VAL A 84 -3.62 -1.35 -13.27
N GLY A 85 -3.93 -0.27 -13.98
CA GLY A 85 -2.89 0.40 -14.72
C GLY A 85 -1.80 0.96 -13.82
N SER A 86 -2.22 1.52 -12.69
CA SER A 86 -1.24 1.96 -11.71
C SER A 86 -0.40 0.80 -11.15
N HIS A 87 -1.07 -0.27 -10.77
CA HIS A 87 -0.35 -1.42 -10.22
C HIS A 87 0.64 -2.01 -11.24
N GLU A 88 0.21 -2.14 -12.50
CA GLU A 88 1.12 -2.59 -13.54
C GLU A 88 2.33 -1.68 -13.70
N LYS A 89 2.19 -0.37 -13.47
CA LYS A 89 3.34 0.53 -13.55
C LYS A 89 4.40 0.23 -12.47
N VAL A 90 3.96 -0.23 -11.29
CA VAL A 90 4.87 -0.67 -10.25
C VAL A 90 5.63 -1.96 -10.66
N GLY A 91 4.94 -2.93 -11.29
CA GLY A 91 5.69 -4.09 -11.81
C GLY A 91 6.26 -4.99 -10.72
N GLN A 92 7.44 -5.59 -10.95
CA GLN A 92 8.02 -6.53 -9.96
C GLN A 92 9.11 -5.89 -9.11
N HIS A 93 8.93 -5.93 -7.80
CA HIS A 93 9.94 -5.44 -6.89
C HIS A 93 9.75 -6.16 -5.55
N PRO A 94 10.82 -6.55 -4.88
CA PRO A 94 10.65 -7.42 -3.70
C PRO A 94 9.91 -6.73 -2.54
N CYS A 95 9.80 -5.41 -2.58
CA CYS A 95 9.12 -4.69 -1.51
C CYS A 95 7.81 -4.08 -1.93
N CYS A 96 7.23 -4.54 -3.03
CA CYS A 96 5.95 -4.08 -3.56
C CYS A 96 5.09 -5.29 -3.83
N VAL A 97 3.83 -5.22 -3.42
CA VAL A 97 2.90 -6.33 -3.72
C VAL A 97 2.80 -6.54 -5.22
N ARG A 98 3.06 -7.75 -5.72
CA ARG A 98 3.11 -8.03 -7.14
C ARG A 98 1.73 -8.45 -7.68
N LEU A 99 1.28 -7.76 -8.70
CA LEU A 99 0.03 -8.16 -9.39
C LEU A 99 0.27 -9.31 -10.38
N GLU A 100 -0.50 -10.39 -10.31
CA GLU A 100 -0.29 -11.50 -11.18
C GLU A 100 -1.16 -11.29 -12.45
N GLN A 101 -2.44 -10.98 -12.22
CA GLN A 101 -3.35 -10.71 -13.35
C GLN A 101 -4.61 -10.07 -12.78
N ALA A 102 -5.36 -9.39 -13.65
CA ALA A 102 -6.59 -8.73 -13.27
C ALA A 102 -7.61 -9.02 -14.32
N TRP A 103 -8.88 -9.10 -13.96
CA TRP A 103 -9.92 -9.35 -14.99
C TRP A 103 -11.25 -8.81 -14.55
N GLU A 104 -12.18 -8.69 -15.49
CA GLU A 104 -13.51 -8.23 -15.10
C GLU A 104 -14.50 -9.24 -15.60
N GLU A 105 -15.53 -9.49 -14.82
CA GLU A 105 -16.60 -10.41 -15.19
C GLU A 105 -17.85 -9.96 -14.42
N GLY A 106 -18.98 -9.86 -15.11
CA GLY A 106 -20.22 -9.54 -14.43
C GLY A 106 -20.22 -8.12 -13.86
N GLY A 107 -19.38 -7.25 -14.43
CA GLY A 107 -19.20 -5.86 -13.99
C GLY A 107 -18.42 -5.78 -12.68
N ILE A 108 -17.81 -6.90 -12.28
CA ILE A 108 -16.93 -6.96 -11.09
C ILE A 108 -15.45 -7.01 -11.47
N LEU A 109 -14.61 -6.24 -10.76
CA LEU A 109 -13.17 -6.19 -11.03
C LEU A 109 -12.44 -7.05 -10.02
N TYR A 110 -11.57 -7.90 -10.54
CA TYR A 110 -10.74 -8.82 -9.77
C TYR A 110 -9.28 -8.49 -9.92
N LEU A 111 -8.54 -8.39 -8.80
CA LEU A 111 -7.07 -8.31 -8.90
C LEU A 111 -6.48 -9.46 -8.15
N GLN A 112 -5.66 -10.23 -8.82
CA GLN A 112 -5.01 -11.38 -8.21
C GLN A 112 -3.56 -10.99 -7.96
N THR A 113 -3.14 -11.01 -6.70
CA THR A 113 -1.73 -10.71 -6.41
C THR A 113 -1.05 -11.84 -5.71
N GLU A 114 0.26 -11.76 -5.58
CA GLU A 114 0.95 -12.64 -4.63
C GLU A 114 0.25 -12.55 -3.27
N LEU A 115 0.31 -13.67 -2.53
CA LEU A 115 -0.21 -13.69 -1.16
C LEU A 115 0.84 -13.19 -0.20
N CYS A 116 0.48 -12.15 0.55
CA CYS A 116 1.33 -11.63 1.61
C CYS A 116 0.78 -11.98 3.00
N GLY A 117 1.57 -11.66 4.02
CA GLY A 117 1.14 -11.84 5.41
C GLY A 117 0.23 -10.70 5.84
N PRO A 118 -0.02 -10.63 7.17
CA PRO A 118 -0.83 -9.58 7.79
C PRO A 118 -0.28 -8.21 7.46
N SER A 119 -1.18 -7.22 7.38
CA SER A 119 -0.70 -5.85 7.31
C SER A 119 0.03 -5.46 8.57
N LEU A 120 0.81 -4.39 8.46
CA LEU A 120 1.46 -3.88 9.65
C LEU A 120 0.46 -3.44 10.74
N GLN A 121 -0.70 -2.94 10.31
CA GLN A 121 -1.74 -2.54 11.26
C GLN A 121 -2.21 -3.77 12.08
N GLN A 122 -2.48 -4.81 11.32
CA GLN A 122 -2.94 -6.05 11.95
C GLN A 122 -1.85 -6.62 12.84
N HIS A 123 -0.61 -6.63 12.37
CA HIS A 123 0.52 -7.09 13.16
C HIS A 123 0.67 -6.34 14.48
N CYS A 124 0.58 -5.02 14.40
CA CYS A 124 0.64 -4.20 15.62
C CYS A 124 -0.50 -4.51 16.59
N GLU A 125 -1.71 -4.59 16.06
CA GLU A 125 -2.87 -4.82 16.91
C GLU A 125 -2.74 -6.13 17.72
N ALA A 126 -2.02 -7.10 17.15
CA ALA A 126 -1.98 -8.44 17.74
C ALA A 126 -0.65 -8.79 18.35
N TRP A 127 0.28 -7.84 18.34
CA TRP A 127 1.54 -8.06 19.03
C TRP A 127 1.35 -7.71 20.50
N ALA A 129 0.99 -4.89 21.65
CA ALA A 129 1.49 -3.53 21.86
C ALA A 129 2.70 -3.13 20.97
N SER A 130 3.71 -2.51 21.60
CA SER A 130 4.86 -1.92 20.90
C SER A 130 5.87 -2.95 20.40
N LEU A 131 6.15 -2.87 19.10
CA LEU A 131 7.07 -3.77 18.42
C LEU A 131 8.52 -3.63 18.86
N PRO A 132 9.25 -4.75 18.89
CA PRO A 132 10.71 -4.70 19.07
C PRO A 132 11.33 -3.77 18.02
N GLU A 133 12.27 -2.91 18.41
CA GLU A 133 12.68 -1.92 17.41
C GLU A 133 13.44 -2.56 16.25
N ALA A 134 14.10 -3.69 16.47
CA ALA A 134 14.78 -4.35 15.37
C ALA A 134 13.82 -4.67 14.22
N GLN A 135 12.62 -5.11 14.57
CA GLN A 135 11.55 -5.27 13.56
C GLN A 135 11.15 -4.01 12.86
N VAL A 136 10.98 -2.94 13.64
CA VAL A 136 10.62 -1.67 13.08
C VAL A 136 11.65 -1.17 12.03
N TRP A 137 12.93 -1.31 12.35
CA TRP A 137 13.96 -0.90 11.39
C TRP A 137 13.86 -1.64 10.03
N GLY A 138 13.55 -2.94 10.10
CA GLY A 138 13.34 -3.69 8.87
C GLY A 138 12.14 -3.21 8.08
N TYR A 139 11.03 -2.85 8.76
CA TYR A 139 9.88 -2.36 8.03
C TYR A 139 10.15 -1.02 7.39
N LEU A 140 10.87 -0.17 8.14
CA LEU A 140 11.25 1.13 7.60
C LEU A 140 12.14 0.96 6.35
N ARG A 141 13.13 0.10 6.44
CA ARG A 141 14.07 -0.09 5.34
C ARG A 141 13.35 -0.65 4.12
N ASP A 142 12.54 -1.70 4.33
CA ASP A 142 11.88 -2.29 3.15
C ASP A 142 10.94 -1.33 2.51
N THR A 143 10.18 -0.55 3.32
CA THR A 143 9.25 0.35 2.67
C THR A 143 9.98 1.54 2.03
N LEU A 144 11.17 1.95 2.58
CA LEU A 144 11.97 2.93 1.85
C LEU A 144 12.45 2.38 0.49
N LEU A 145 12.83 1.11 0.45
CA LEU A 145 13.17 0.52 -0.85
C LEU A 145 12.00 0.58 -1.82
N ALA A 146 10.80 0.28 -1.33
CA ALA A 146 9.59 0.41 -2.14
C ALA A 146 9.42 1.85 -2.67
N LEU A 147 9.60 2.84 -1.79
CA LEU A 147 9.41 4.21 -2.27
C LEU A 147 10.50 4.62 -3.25
N ALA A 148 11.75 4.20 -3.05
CA ALA A 148 12.77 4.49 -4.07
C ALA A 148 12.37 3.91 -5.43
N HIS A 149 11.78 2.71 -5.40
CA HIS A 149 11.33 2.08 -6.63
C HIS A 149 10.18 2.93 -7.25
N LEU A 150 9.19 3.28 -6.43
CA LEU A 150 8.06 4.06 -6.96
C LEU A 150 8.56 5.35 -7.60
N HIS A 151 9.40 6.05 -6.87
CA HIS A 151 9.84 7.35 -7.38
C HIS A 151 10.60 7.19 -8.72
N SER A 152 11.34 6.08 -8.84
CA SER A 152 12.07 5.83 -10.09
C SER A 152 11.13 5.63 -11.29
N GLN A 153 9.88 5.25 -11.01
CA GLN A 153 8.89 4.99 -12.04
C GLN A 153 8.00 6.24 -12.24
N GLY A 154 8.40 7.30 -11.56
CA GLY A 154 7.68 8.57 -11.57
C GLY A 154 6.35 8.51 -10.83
N LEU A 155 6.31 7.71 -9.77
CA LEU A 155 5.06 7.49 -9.04
C LEU A 155 5.21 7.90 -7.61
N VAL A 156 4.12 8.39 -7.04
CA VAL A 156 4.05 8.74 -5.61
C VAL A 156 2.83 8.08 -4.98
N HIS A 157 3.02 7.40 -3.87
CA HIS A 157 1.90 6.80 -3.14
C HIS A 157 1.36 7.88 -2.17
N LEU A 158 0.10 8.20 -2.34
CA LEU A 158 -0.49 9.13 -1.44
C LEU A 158 -1.23 8.48 -0.32
N ASP A 159 -1.04 7.18 -0.08
CA ASP A 159 -1.70 6.60 1.12
C ASP A 159 -0.84 5.54 1.80
N VAL A 160 0.41 5.92 2.09
CA VAL A 160 1.30 5.03 2.85
C VAL A 160 0.77 5.03 4.29
N LYS A 161 0.49 3.86 4.87
CA LYS A 161 -0.04 3.79 6.22
C LYS A 161 0.09 2.35 6.64
N PRO A 162 -0.06 2.05 7.94
CA PRO A 162 0.15 0.67 8.41
C PRO A 162 -0.74 -0.36 7.71
N ALA A 163 -1.99 0.00 7.33
CA ALA A 163 -2.88 -0.97 6.68
C ALA A 163 -2.44 -1.36 5.29
N ASN A 164 -1.55 -0.56 4.70
CA ASN A 164 -1.14 -0.80 3.27
C ASN A 164 0.25 -1.37 3.13
N ILE A 165 0.81 -1.88 4.22
CA ILE A 165 2.14 -2.50 4.20
C ILE A 165 1.97 -3.88 4.78
N PHE A 166 2.45 -4.94 4.08
CA PHE A 166 2.11 -6.31 4.42
C PHE A 166 3.37 -7.07 4.73
N LEU A 167 3.31 -7.88 5.78
CA LEU A 167 4.48 -8.63 6.19
C LEU A 167 4.84 -9.76 5.23
N GLY A 168 6.12 -10.06 5.20
CA GLY A 168 6.57 -11.18 4.40
C GLY A 168 7.49 -12.03 5.24
N PRO A 169 8.30 -12.85 4.55
CA PRO A 169 9.22 -13.79 5.21
C PRO A 169 10.34 -13.06 5.97
N ARG A 170 10.69 -13.52 7.16
CA ARG A 170 11.94 -13.12 7.81
C ARG A 170 12.07 -11.61 7.97
N GLY A 171 11.00 -10.97 8.46
CA GLY A 171 11.07 -9.57 8.77
C GLY A 171 10.82 -8.67 7.58
N ARG A 172 10.56 -9.26 6.41
CA ARG A 172 10.40 -8.38 5.22
C ARG A 172 9.00 -7.77 5.13
N CYS A 173 8.83 -6.69 4.39
CA CYS A 173 7.46 -6.22 4.14
C CYS A 173 7.32 -5.62 2.75
N LYS A 174 6.07 -5.54 2.33
CA LYS A 174 5.75 -5.08 0.96
C LYS A 174 4.68 -4.02 1.01
N LEU A 175 4.91 -2.91 0.27
CA LEU A 175 3.89 -1.90 0.11
C LEU A 175 2.83 -2.30 -0.93
N GLY A 176 1.55 -2.01 -0.67
CA GLY A 176 0.49 -2.32 -1.64
C GLY A 176 -0.54 -1.21 -1.77
N ASP A 177 -1.73 -1.53 -2.27
CA ASP A 177 -2.82 -0.58 -2.48
C ASP A 177 -2.42 0.54 -3.43
N PHE A 178 -2.20 0.21 -4.67
CA PHE A 178 -1.67 1.17 -5.61
C PHE A 178 -2.71 1.97 -6.37
N GLY A 179 -3.97 1.87 -5.95
CA GLY A 179 -5.00 2.70 -6.56
C GLY A 179 -4.85 4.15 -6.10
N LEU A 180 -4.02 4.37 -5.11
CA LEU A 180 -3.79 5.75 -4.61
C LEU A 180 -2.40 6.27 -4.99
N LEU A 181 -1.89 5.72 -6.05
CA LEU A 181 -0.67 6.19 -6.64
C LEU A 181 -1.03 7.32 -7.58
N VAL A 182 -0.20 8.35 -7.62
CA VAL A 182 -0.31 9.36 -8.69
C VAL A 182 0.98 9.41 -9.48
N GLU A 183 0.89 9.93 -10.69
CA GLU A 183 2.07 10.04 -11.56
C GLU A 183 2.64 11.45 -11.46
N LEU A 184 3.95 11.56 -11.62
CA LEU A 184 4.65 12.85 -11.67
C LEU A 184 4.62 13.39 -13.10
N GLY A 188 -1.34 14.56 -16.44
CA GLY A 188 -0.69 15.01 -15.22
C GLY A 188 -0.75 13.99 -14.08
N ALA A 189 -1.34 14.38 -12.96
CA ALA A 189 -1.31 13.48 -11.79
C ALA A 189 -2.23 12.25 -11.93
N GLY A 190 -3.40 12.42 -12.53
CA GLY A 190 -4.40 11.36 -12.57
C GLY A 190 -5.41 11.50 -11.43
N GLU A 191 -6.63 11.01 -11.64
CA GLU A 191 -7.66 11.04 -10.59
C GLU A 191 -7.25 10.21 -9.36
N VAL A 192 -7.51 10.74 -8.16
CA VAL A 192 -7.15 10.02 -6.94
C VAL A 192 -8.15 10.29 -5.80
N GLN A 193 -8.16 9.37 -4.83
CA GLN A 193 -9.03 9.51 -3.67
C GLN A 193 -8.27 10.15 -2.51
N GLU A 194 -8.97 10.38 -1.40
CA GLU A 194 -8.36 10.96 -0.21
C GLU A 194 -7.46 9.93 0.53
N GLY A 195 -6.21 10.32 0.84
CA GLY A 195 -5.35 9.55 1.76
C GLY A 195 -5.82 9.76 3.22
N ASP A 196 -5.33 8.94 4.13
CA ASP A 196 -5.71 9.06 5.55
C ASP A 196 -5.11 10.39 6.10
N PRO A 197 -5.93 11.25 6.74
CA PRO A 197 -5.35 12.53 7.18
C PRO A 197 -4.28 12.34 8.24
N ARG A 198 -4.33 11.22 8.96
CA ARG A 198 -3.32 11.00 10.00
C ARG A 198 -1.93 11.03 9.47
N TYR A 199 -1.72 10.57 8.22
CA TYR A 199 -0.37 10.38 7.73
C TYR A 199 0.00 11.36 6.63
N MET A 200 -0.88 12.34 6.40
CA MET A 200 -0.76 13.23 5.24
C MET A 200 0.38 14.24 5.40
N ALA A 201 1.21 14.39 4.35
CA ALA A 201 2.23 15.41 4.38
C ALA A 201 1.59 16.78 4.36
N PRO A 202 2.19 17.76 5.06
CA PRO A 202 1.49 19.04 5.22
C PRO A 202 1.29 19.77 3.90
N GLU A 203 2.21 19.61 2.95
CA GLU A 203 2.08 20.32 1.70
C GLU A 203 0.85 19.87 0.91
N LEU A 204 0.34 18.67 1.20
CA LEU A 204 -0.87 18.21 0.46
C LEU A 204 -2.11 19.05 0.80
N LEU A 205 -2.07 19.82 1.90
CA LEU A 205 -3.18 20.75 2.16
C LEU A 205 -3.34 21.74 1.04
N GLN A 206 -2.27 22.02 0.32
CA GLN A 206 -2.30 23.02 -0.73
C GLN A 206 -2.27 22.34 -2.10
N GLY A 207 -2.52 21.04 -2.07
CA GLY A 207 -2.60 20.22 -3.28
C GLY A 207 -1.23 19.94 -3.83
N SER A 208 -0.21 20.25 -3.04
CA SER A 208 1.15 20.03 -3.57
C SER A 208 1.66 18.64 -3.28
N TYR A 209 2.30 18.03 -4.28
CA TYR A 209 2.83 16.72 -3.99
C TYR A 209 4.10 16.47 -4.83
N GLY A 210 4.77 15.40 -4.45
CA GLY A 210 6.04 15.08 -5.06
C GLY A 210 6.54 13.87 -4.31
N THR A 211 7.78 13.48 -4.67
CA THR A 211 8.40 12.28 -4.09
C THR A 211 8.54 12.43 -2.57
N ALA A 212 8.58 13.68 -2.09
CA ALA A 212 8.75 13.79 -0.64
C ALA A 212 7.52 13.36 0.16
N ALA A 213 6.35 13.36 -0.48
CA ALA A 213 5.14 13.27 0.33
C ALA A 213 5.00 11.89 0.92
N ASP A 214 5.40 10.85 0.15
CA ASP A 214 5.23 9.57 0.78
C ASP A 214 6.36 9.26 1.77
N VAL A 215 7.51 9.96 1.66
CA VAL A 215 8.54 9.82 2.71
C VAL A 215 7.95 10.34 4.06
N PHE A 216 7.22 11.43 4.01
CA PHE A 216 6.58 11.96 5.23
C PHE A 216 5.55 11.02 5.77
N SER A 217 4.71 10.45 4.90
CA SER A 217 3.72 9.50 5.38
C SER A 217 4.34 8.23 5.98
N LEU A 218 5.43 7.77 5.37
CA LEU A 218 6.11 6.60 5.92
C LEU A 218 6.72 6.94 7.29
N GLY A 219 7.16 8.18 7.44
CA GLY A 219 7.68 8.60 8.76
C GLY A 219 6.61 8.48 9.80
N LEU A 220 5.41 9.00 9.52
CA LEU A 220 4.34 8.89 10.54
C LEU A 220 3.86 7.45 10.73
N THR A 221 3.90 6.69 9.63
CA THR A 221 3.53 5.28 9.70
C THR A 221 4.44 4.53 10.67
N ILE A 222 5.73 4.74 10.51
CA ILE A 222 6.67 4.07 11.39
C ILE A 222 6.58 4.62 12.80
N LEU A 223 6.41 5.94 12.94
CA LEU A 223 6.21 6.46 14.31
C LEU A 223 5.07 5.75 14.98
N GLU A 224 3.95 5.65 14.27
CA GLU A 224 2.76 5.07 14.86
C GLU A 224 2.99 3.64 15.32
N VAL A 225 3.58 2.83 14.45
CA VAL A 225 3.77 1.43 14.85
C VAL A 225 4.86 1.24 15.90
N ALA A 226 5.86 2.13 15.91
CA ALA A 226 6.89 2.08 16.94
C ALA A 226 6.40 2.50 18.33
N CYS A 227 5.45 3.43 18.40
CA CYS A 227 5.01 3.94 19.71
C CYS A 227 3.66 3.35 20.12
N ASN A 228 2.97 2.69 19.19
CA ASN A 228 1.67 2.07 19.46
C ASN A 228 0.63 3.08 20.00
N MET A 229 0.69 4.32 19.52
CA MET A 229 -0.28 5.34 19.91
C MET A 229 -1.00 5.90 18.69
N GLU A 230 -2.27 6.27 18.83
CA GLU A 230 -3.08 6.76 17.73
C GLU A 230 -2.60 8.17 17.37
N LEU A 231 -2.35 8.40 16.08
CA LEU A 231 -2.02 9.75 15.60
C LEU A 231 -3.29 10.58 15.38
N PRO A 232 -3.20 11.91 15.60
CA PRO A 232 -4.37 12.79 15.41
C PRO A 232 -4.77 12.95 13.95
N HIS A 233 -6.08 13.10 13.75
CA HIS A 233 -6.59 13.24 12.40
C HIS A 233 -6.78 14.72 12.08
N GLY A 234 -6.59 15.63 13.04
CA GLY A 234 -6.79 17.03 12.77
C GLY A 234 -6.50 17.79 14.05
N GLY A 235 -6.67 19.10 14.01
CA GLY A 235 -6.55 19.87 15.24
C GLY A 235 -5.12 20.16 15.60
N GLU A 236 -4.95 20.72 16.82
CA GLU A 236 -3.61 21.08 17.23
C GLU A 236 -2.61 19.95 17.25
N GLY A 237 -3.04 18.75 17.65
CA GLY A 237 -2.14 17.63 17.63
C GLY A 237 -1.63 17.31 16.23
N TRP A 238 -2.50 17.46 15.23
CA TRP A 238 -2.08 17.21 13.83
C TRP A 238 -1.03 18.23 13.41
N GLN A 239 -1.25 19.48 13.83
CA GLN A 239 -0.30 20.51 13.46
C GLN A 239 1.03 20.29 14.15
N GLN A 240 0.98 19.81 15.39
CA GLN A 240 2.23 19.69 16.19
C GLN A 240 3.09 18.49 15.81
N LEU A 241 2.61 17.63 14.90
CA LEU A 241 3.47 16.63 14.31
C LEU A 241 4.08 17.11 13.00
N ARG A 242 3.76 18.35 12.59
CA ARG A 242 4.22 18.88 11.32
C ARG A 242 5.01 20.16 11.48
N GLN A 243 5.78 20.21 12.56
CA GLN A 243 6.61 21.36 12.88
C GLN A 243 8.10 21.14 12.82
N GLY A 244 8.46 19.86 12.70
CA GLY A 244 9.87 19.45 12.58
C GLY A 244 10.47 18.99 13.91
N TYR A 245 9.62 18.57 14.83
CA TYR A 245 10.13 17.94 16.06
C TYR A 245 9.16 16.78 16.39
N LEU A 246 9.56 15.88 17.30
CA LEU A 246 8.61 14.84 17.75
C LEU A 246 8.07 15.19 19.12
N PRO A 247 6.74 15.33 19.24
CA PRO A 247 6.14 15.58 20.53
C PRO A 247 6.45 14.41 21.46
N PRO A 248 6.87 14.72 22.69
CA PRO A 248 7.32 13.66 23.62
C PRO A 248 6.27 12.59 23.89
N GLU A 249 4.99 12.95 23.72
CA GLU A 249 3.86 12.05 23.79
C GLU A 249 4.15 10.75 23.01
N PHE A 250 4.79 10.89 21.85
CA PHE A 250 4.99 9.77 20.91
C PHE A 250 6.35 9.05 21.02
N THR A 251 7.25 9.50 21.89
CA THR A 251 8.63 9.05 21.75
C THR A 251 9.05 8.22 22.92
N ALA A 252 8.12 7.89 23.81
CA ALA A 252 8.50 7.07 24.97
C ALA A 252 9.05 5.73 24.47
N GLY A 253 10.28 5.44 24.87
CA GLY A 253 10.85 4.16 24.53
C GLY A 253 11.42 4.08 23.15
N LEU A 254 11.34 5.15 22.37
CA LEU A 254 12.01 5.13 21.07
C LEU A 254 13.50 5.44 21.22
N SER A 255 14.34 4.70 20.50
CA SER A 255 15.77 4.90 20.64
C SER A 255 16.14 6.27 20.07
N SER A 256 17.28 6.77 20.53
CA SER A 256 17.79 8.00 19.90
C SER A 256 17.96 7.84 18.39
N GLU A 257 18.45 6.68 17.97
CA GLU A 257 18.72 6.41 16.54
C GLU A 257 17.44 6.45 15.73
N LEU A 258 16.37 5.84 16.23
CA LEU A 258 15.16 5.86 15.46
C LEU A 258 14.55 7.24 15.44
N ARG A 259 14.60 7.93 16.59
CA ARG A 259 14.09 9.28 16.64
C ARG A 259 14.76 10.17 15.57
N SER A 260 16.04 10.02 15.42
CA SER A 260 16.74 10.97 14.54
C SER A 260 16.34 10.74 13.09
N VAL A 261 16.15 9.46 12.72
CA VAL A 261 15.80 9.18 11.34
C VAL A 261 14.38 9.60 11.09
N LEU A 262 13.49 9.41 12.09
CA LEU A 262 12.11 9.87 11.85
C LEU A 262 12.09 11.39 11.70
N VAL A 263 12.90 12.09 12.46
CA VAL A 263 12.80 13.56 12.31
C VAL A 263 13.31 14.03 10.95
N MET A 264 14.22 13.26 10.36
CA MET A 264 14.63 13.54 8.95
C MET A 264 13.45 13.37 8.03
N MET A 265 12.61 12.37 8.31
CA MET A 265 11.50 12.06 7.42
C MET A 265 10.33 13.03 7.61
N LEU A 266 10.28 13.67 8.79
CA LEU A 266 9.11 14.45 9.13
C LEU A 266 9.34 15.97 8.93
N GLU A 267 10.47 16.33 8.34
CA GLU A 267 10.74 17.76 7.98
C GLU A 267 9.50 18.33 7.22
N PRO A 268 8.93 19.45 7.71
CA PRO A 268 7.69 19.91 7.07
C PRO A 268 7.91 20.49 5.66
N ASP A 269 9.07 21.08 5.40
CA ASP A 269 9.33 21.65 4.06
C ASP A 269 9.75 20.52 3.14
N PRO A 270 8.96 20.25 2.09
CA PRO A 270 9.28 19.05 1.30
C PRO A 270 10.60 19.28 0.52
N LYS A 271 11.01 20.53 0.31
CA LYS A 271 12.30 20.75 -0.36
C LYS A 271 13.50 20.32 0.50
N LEU A 272 13.32 20.31 1.80
CA LEU A 272 14.37 19.97 2.74
C LEU A 272 14.29 18.56 3.24
N ARG A 273 13.17 17.89 2.94
CA ARG A 273 12.93 16.59 3.58
C ARG A 273 13.90 15.58 2.93
N ALA A 274 14.35 14.60 3.69
CA ALA A 274 15.29 13.58 3.17
C ALA A 274 14.61 12.82 2.05
N THR A 275 15.41 12.45 1.03
CA THR A 275 14.86 11.53 0.04
C THR A 275 14.98 10.08 0.48
N ALA A 276 14.25 9.19 -0.20
CA ALA A 276 14.33 7.79 0.18
C ALA A 276 15.76 7.25 0.00
N GLU A 277 16.42 7.67 -1.07
CA GLU A 277 17.75 7.21 -1.34
C GLU A 277 18.76 7.76 -0.30
N ALA A 278 18.54 8.99 0.14
CA ALA A 278 19.44 9.55 1.14
C ALA A 278 19.29 8.79 2.46
N LEU A 279 18.06 8.42 2.77
CA LEU A 279 17.78 7.66 3.98
C LEU A 279 18.36 6.27 3.91
N LEU A 280 18.18 5.61 2.75
CA LEU A 280 18.76 4.30 2.57
C LEU A 280 20.31 4.26 2.64
N ALA A 281 20.95 5.40 2.36
CA ALA A 281 22.37 5.52 2.40
C ALA A 281 22.95 5.80 3.81
N LEU A 282 22.08 5.96 4.79
CA LEU A 282 22.57 6.15 6.18
C LEU A 282 23.17 4.87 6.71
N PRO A 283 24.27 4.94 7.46
CA PRO A 283 24.89 3.76 8.09
C PRO A 283 23.88 2.89 8.85
N VAL A 284 22.92 3.52 9.52
CA VAL A 284 21.98 2.77 10.33
C VAL A 284 21.06 1.91 9.47
N LEU A 285 20.89 2.27 8.19
CA LEU A 285 20.01 1.48 7.37
C LEU A 285 20.73 0.56 6.42
N ARG A 286 22.03 0.38 6.58
CA ARG A 286 22.76 -0.58 5.75
C ARG A 286 22.08 -1.94 5.65
N GLN A 287 22.22 -2.60 4.50
CA GLN A 287 21.95 -4.02 4.41
C GLN A 287 20.53 -4.43 4.88
N1 A1D83 B . -7.84 -5.86 4.16
N3 A1D83 B . -2.35 -8.97 -1.49
C4 A1D83 B . -5.08 -7.48 1.42
C5 A1D83 B . -5.01 -6.85 0.06
C6 A1D83 B . -4.10 -7.41 -0.87
C7 A1D83 B . -6.05 -6.94 2.39
C8 A1D83 B . -6.33 -7.60 3.68
C10 A1D83 B . -7.58 -5.20 2.97
C13 A1D83 B . -4.83 -7.29 -3.35
C15 A1D83 B . -4.21 -5.45 -4.68
C17 A1D83 B . -3.42 -5.52 -2.44
C20 A1D83 B . -5.60 -8.66 -3.17
C1 A1D83 B . -3.26 -8.49 -0.60
C2 A1D83 B . -3.33 -9.03 0.76
C3 A1D83 B . -4.27 -8.54 1.69
C9 A1D83 B . -7.27 -7.02 4.53
C11 A1D83 B . -6.64 -5.71 2.09
C12 A1D83 B . -4.09 -6.75 -2.27
C14 A1D83 B . -4.87 -6.63 -4.53
C16 A1D83 B . -3.45 -4.92 -3.58
C18 A1D83 B . -2.45 -10.20 1.11
N2 A1D83 B . -2.35 -10.52 2.46
O1 A1D83 B . -1.87 -10.84 0.31
C19 A1D83 B . -2.58 -4.98 -1.26
O2 A1D83 B . -2.78 -3.69 -3.81
#